data_6UXR
#
_entry.id   6UXR
#
_cell.length_a   55.921
_cell.length_b   89.949
_cell.length_c   77.572
_cell.angle_alpha   90.000
_cell.angle_beta   90.000
_cell.angle_gamma   90.000
#
_symmetry.space_group_name_H-M   'C 2 2 21'
#
loop_
_entity.id
_entity.type
_entity.pdbx_description
1 polymer 'Bcl-2 homologous antagonist/killer'
2 non-polymer '[(2~{R})-2-oxidanyl-3-[oxidanyl-[2-(trimethyl-$l^{4}-azanyl)ethoxy]phosphoryl]oxy-propyl] hexadecanoate'
3 non-polymer 'TETRAETHYLENE GLYCOL'
4 non-polymer 'TRIETHYLENE GLYCOL'
5 water water
#
_entity_poly.entity_id   1
_entity_poly.type   'polypeptide(L)'
_entity_poly.pdbx_seq_one_letter_code
;GPLGSSTMGQVGRQLAIIGDDINRRYDSEFQTMLQHLQPTAENAYEYFTKIATSLFESGINWGRVVALLGFGYRLALHVY
QHGLT
;
_entity_poly.pdbx_strand_id   A,B
#
# COMPACT_ATOMS: atom_id res chain seq x y z
N SER A 6 24.27 5.03 -0.56
CA SER A 6 24.76 4.12 0.47
C SER A 6 23.61 3.54 1.28
N THR A 7 23.21 4.27 2.32
CA THR A 7 22.08 3.82 3.13
C THR A 7 20.77 3.95 2.37
N MET A 8 20.70 4.86 1.38
CA MET A 8 19.52 4.95 0.54
C MET A 8 19.31 3.67 -0.25
N GLY A 9 20.39 3.14 -0.84
CA GLY A 9 20.28 1.88 -1.54
C GLY A 9 19.81 0.75 -0.63
N GLN A 10 20.32 0.74 0.61
CA GLN A 10 19.97 -0.32 1.55
C GLN A 10 18.49 -0.26 1.91
N VAL A 11 17.96 0.94 2.11
CA VAL A 11 16.54 1.06 2.43
C VAL A 11 15.69 0.61 1.25
N GLY A 12 16.04 1.06 0.03
CA GLY A 12 15.29 0.65 -1.14
C GLY A 12 15.31 -0.84 -1.38
N ARG A 13 16.45 -1.48 -1.12
CA ARG A 13 16.52 -2.94 -1.22
C ARG A 13 15.63 -3.62 -0.20
N GLN A 14 15.57 -3.09 1.02
CA GLN A 14 14.65 -3.64 2.01
C GLN A 14 13.20 -3.44 1.58
N LEU A 15 12.87 -2.29 1.00
CA LEU A 15 11.50 -2.08 0.57
C LEU A 15 11.11 -3.02 -0.56
N ALA A 16 12.09 -3.44 -1.39
CA ALA A 16 11.77 -4.38 -2.45
C ALA A 16 11.36 -5.73 -1.86
N ILE A 17 12.04 -6.16 -0.79
CA ILE A 17 11.66 -7.41 -0.12
C ILE A 17 10.24 -7.32 0.40
N ILE A 18 9.96 -6.25 1.16
CA ILE A 18 8.63 -6.01 1.73
C ILE A 18 7.59 -5.88 0.62
N GLY A 19 7.87 -5.05 -0.38
CA GLY A 19 6.93 -4.90 -1.48
C GLY A 19 6.59 -6.21 -2.16
N ASP A 20 7.62 -7.02 -2.47
CA ASP A 20 7.35 -8.31 -3.11
C ASP A 20 6.59 -9.23 -2.18
N ASP A 21 6.81 -9.12 -0.87
N ASP A 21 6.86 -9.15 -0.87
CA ASP A 21 6.08 -9.97 0.08
CA ASP A 21 6.08 -9.92 0.10
C ASP A 21 4.61 -9.56 0.17
C ASP A 21 4.62 -9.56 0.04
N ILE A 22 4.33 -8.26 0.08
CA ILE A 22 2.94 -7.78 0.01
C ILE A 22 2.28 -8.25 -1.27
N ASN A 23 2.95 -8.05 -2.41
N ASN A 23 2.95 -8.05 -2.41
CA ASN A 23 2.46 -8.55 -3.69
CA ASN A 23 2.44 -8.55 -3.68
C ASN A 23 2.20 -10.05 -3.61
C ASN A 23 2.19 -10.05 -3.62
N ARG A 24 3.16 -10.80 -3.08
CA ARG A 24 3.02 -12.26 -3.00
C ARG A 24 1.85 -12.68 -2.14
N ARG A 25 1.57 -11.92 -1.08
CA ARG A 25 0.62 -12.38 -0.07
C ARG A 25 -0.83 -12.08 -0.45
N TYR A 26 -1.08 -11.00 -1.19
CA TYR A 26 -2.45 -10.53 -1.44
C TYR A 26 -2.82 -10.42 -2.91
N ASP A 27 -1.88 -10.53 -3.86
CA ASP A 27 -2.21 -10.29 -5.26
C ASP A 27 -3.28 -11.24 -5.77
N SER A 28 -3.09 -12.55 -5.58
CA SER A 28 -4.09 -13.49 -6.08
C SER A 28 -5.38 -13.39 -5.30
N GLU A 29 -5.30 -13.02 -4.01
CA GLU A 29 -6.51 -12.82 -3.22
C GLU A 29 -7.31 -11.61 -3.68
N PHE A 30 -6.61 -10.55 -4.13
CA PHE A 30 -7.30 -9.44 -4.77
C PHE A 30 -8.05 -9.90 -6.01
N GLN A 31 -7.34 -10.56 -6.94
CA GLN A 31 -7.97 -11.00 -8.19
C GLN A 31 -9.09 -11.99 -7.94
N THR A 32 -8.97 -12.81 -6.89
CA THR A 32 -10.07 -13.68 -6.51
C THR A 32 -11.27 -12.87 -6.00
N MET A 33 -11.02 -11.82 -5.22
CA MET A 33 -12.11 -10.94 -4.79
C MET A 33 -12.76 -10.26 -6.00
N LEU A 34 -11.97 -9.80 -6.96
CA LEU A 34 -12.52 -9.12 -8.12
C LEU A 34 -13.29 -10.09 -9.03
N GLN A 35 -12.81 -11.33 -9.16
CA GLN A 35 -13.53 -12.32 -9.95
C GLN A 35 -14.95 -12.52 -9.43
N HIS A 36 -15.14 -12.42 -8.12
CA HIS A 36 -16.48 -12.54 -7.55
C HIS A 36 -17.22 -11.21 -7.53
N LEU A 37 -16.51 -10.10 -7.35
CA LEU A 37 -17.15 -8.78 -7.31
C LEU A 37 -17.79 -8.42 -8.64
N GLN A 38 -17.12 -8.78 -9.75
CA GLN A 38 -17.55 -8.46 -11.12
C GLN A 38 -17.72 -6.96 -11.33
N PRO A 39 -16.65 -6.16 -11.24
CA PRO A 39 -16.77 -4.75 -11.56
C PRO A 39 -16.73 -4.50 -13.06
N THR A 40 -17.45 -3.46 -13.49
CA THR A 40 -17.44 -3.01 -14.87
C THR A 40 -17.12 -1.52 -14.89
N ALA A 41 -16.79 -1.01 -16.09
CA ALA A 41 -16.58 0.42 -16.24
C ALA A 41 -17.79 1.21 -15.73
N GLU A 42 -19.00 0.65 -15.90
CA GLU A 42 -20.21 1.34 -15.46
C GLU A 42 -20.27 1.48 -13.96
N ASN A 43 -19.89 0.42 -13.22
CA ASN A 43 -20.00 0.41 -11.77
C ASN A 43 -18.67 0.57 -11.06
N ALA A 44 -17.55 0.66 -11.79
CA ALA A 44 -16.24 0.69 -11.15
C ALA A 44 -16.11 1.84 -10.16
N TYR A 45 -16.51 3.04 -10.57
CA TYR A 45 -16.43 4.17 -9.66
C TYR A 45 -17.35 3.96 -8.45
N GLU A 46 -18.55 3.45 -8.69
CA GLU A 46 -19.47 3.22 -7.58
C GLU A 46 -18.94 2.17 -6.63
N TYR A 47 -18.46 1.05 -7.18
CA TYR A 47 -17.91 -0.02 -6.33
C TYR A 47 -16.73 0.48 -5.52
N PHE A 48 -15.80 1.20 -6.16
CA PHE A 48 -14.60 1.61 -5.46
C PHE A 48 -14.92 2.56 -4.30
N THR A 49 -15.80 3.52 -4.52
CA THR A 49 -16.08 4.48 -3.46
C THR A 49 -16.94 3.88 -2.35
N LYS A 50 -17.81 2.92 -2.67
CA LYS A 50 -18.61 2.28 -1.63
C LYS A 50 -17.75 1.28 -0.83
N ILE A 51 -16.85 0.58 -1.51
CA ILE A 51 -15.89 -0.28 -0.81
C ILE A 51 -15.01 0.56 0.10
N ALA A 52 -14.57 1.74 -0.38
CA ALA A 52 -13.76 2.61 0.45
C ALA A 52 -14.52 3.05 1.70
N THR A 53 -15.79 3.41 1.54
CA THR A 53 -16.59 3.84 2.68
C THR A 53 -16.72 2.72 3.70
N SER A 54 -17.03 1.50 3.23
CA SER A 54 -17.13 0.36 4.13
C SER A 54 -15.79 0.10 4.82
N LEU A 55 -14.69 0.17 4.06
CA LEU A 55 -13.36 -0.03 4.63
C LEU A 55 -13.08 0.95 5.77
N PHE A 56 -13.26 2.24 5.51
CA PHE A 56 -12.81 3.28 6.43
C PHE A 56 -13.78 3.55 7.57
N GLU A 57 -15.01 3.04 7.50
CA GLU A 57 -15.92 3.23 8.61
C GLU A 57 -15.46 2.47 9.85
N SER A 58 -14.60 1.45 9.68
CA SER A 58 -14.01 0.78 10.84
C SER A 58 -12.70 1.40 11.27
N GLY A 59 -12.26 2.48 10.63
CA GLY A 59 -11.03 3.15 10.99
C GLY A 59 -10.13 3.36 9.78
N ILE A 60 -9.06 4.10 10.04
CA ILE A 60 -8.10 4.43 8.99
C ILE A 60 -6.69 4.42 9.59
N ASN A 61 -5.77 3.80 8.84
CA ASN A 61 -4.34 3.85 9.07
C ASN A 61 -3.72 3.75 7.69
N TRP A 62 -2.39 3.92 7.61
CA TRP A 62 -1.77 3.90 6.28
C TRP A 62 -1.89 2.52 5.64
N GLY A 63 -1.92 1.44 6.43
CA GLY A 63 -2.08 0.12 5.83
C GLY A 63 -3.41 -0.03 5.10
N ARG A 64 -4.50 0.43 5.72
CA ARG A 64 -5.79 0.38 5.05
C ARG A 64 -5.77 1.22 3.78
N VAL A 65 -5.14 2.40 3.83
CA VAL A 65 -5.13 3.27 2.66
C VAL A 65 -4.43 2.59 1.49
N VAL A 66 -3.24 2.04 1.73
CA VAL A 66 -2.50 1.45 0.61
C VAL A 66 -3.10 0.11 0.20
N ALA A 67 -3.77 -0.61 1.11
CA ALA A 67 -4.52 -1.79 0.68
C ALA A 67 -5.59 -1.40 -0.34
N LEU A 68 -6.29 -0.30 -0.08
CA LEU A 68 -7.31 0.16 -1.01
C LEU A 68 -6.72 0.59 -2.35
N LEU A 69 -5.57 1.27 -2.32
CA LEU A 69 -4.93 1.70 -3.55
C LEU A 69 -4.47 0.50 -4.37
N GLY A 70 -3.88 -0.50 -3.72
CA GLY A 70 -3.48 -1.70 -4.43
C GLY A 70 -4.67 -2.45 -5.00
N PHE A 71 -5.74 -2.57 -4.20
CA PHE A 71 -6.97 -3.18 -4.71
C PHE A 71 -7.56 -2.37 -5.86
N GLY A 72 -7.52 -1.05 -5.76
CA GLY A 72 -8.04 -0.21 -6.85
C GLY A 72 -7.24 -0.38 -8.13
N TYR A 73 -5.91 -0.50 -8.02
CA TYR A 73 -5.11 -0.81 -9.19
C TYR A 73 -5.58 -2.12 -9.82
N ARG A 74 -5.80 -3.14 -9.00
CA ARG A 74 -6.30 -4.40 -9.51
C ARG A 74 -7.70 -4.25 -10.11
N LEU A 75 -8.55 -3.43 -9.49
CA LEU A 75 -9.89 -3.23 -10.02
C LEU A 75 -9.85 -2.62 -11.43
N ALA A 76 -8.91 -1.71 -11.64
CA ALA A 76 -8.77 -1.08 -12.96
C ALA A 76 -8.35 -2.09 -14.01
N LEU A 77 -7.33 -2.89 -13.70
CA LEU A 77 -6.86 -3.88 -14.66
C LEU A 77 -7.96 -4.90 -14.97
N HIS A 78 -8.73 -5.28 -13.95
CA HIS A 78 -9.86 -6.19 -14.18
C HIS A 78 -10.87 -5.60 -15.15
N VAL A 79 -11.21 -4.31 -14.96
CA VAL A 79 -12.16 -3.66 -15.87
C VAL A 79 -11.60 -3.62 -17.28
N TYR A 80 -10.31 -3.27 -17.43
CA TYR A 80 -9.72 -3.28 -18.76
C TYR A 80 -9.73 -4.68 -19.36
N GLN A 81 -9.38 -5.69 -18.55
CA GLN A 81 -9.27 -7.05 -19.04
C GLN A 81 -10.60 -7.59 -19.53
N HIS A 82 -11.70 -7.17 -18.89
CA HIS A 82 -13.03 -7.61 -19.27
C HIS A 82 -13.75 -6.60 -20.15
N GLY A 83 -13.02 -5.66 -20.74
CA GLY A 83 -13.59 -4.70 -21.65
C GLY A 83 -13.45 -5.12 -23.11
N GLY B 4 -22.80 -10.19 -5.89
CA GLY B 4 -21.64 -9.36 -6.12
C GLY B 4 -21.83 -7.92 -5.65
N SER B 5 -22.94 -7.31 -6.10
CA SER B 5 -23.25 -5.95 -5.68
C SER B 5 -23.43 -5.86 -4.17
N SER B 6 -23.93 -6.91 -3.54
CA SER B 6 -24.17 -6.91 -2.10
C SER B 6 -22.93 -7.24 -1.29
N THR B 7 -21.77 -7.38 -1.93
CA THR B 7 -20.53 -7.72 -1.25
C THR B 7 -19.65 -6.49 -0.97
N MET B 8 -20.15 -5.27 -1.21
CA MET B 8 -19.33 -4.08 -0.97
C MET B 8 -18.85 -4.03 0.47
N GLY B 9 -19.75 -4.31 1.42
CA GLY B 9 -19.34 -4.34 2.82
C GLY B 9 -18.31 -5.43 3.07
N GLN B 10 -18.57 -6.63 2.54
CA GLN B 10 -17.63 -7.74 2.70
C GLN B 10 -16.25 -7.39 2.14
N VAL B 11 -16.20 -6.81 0.94
CA VAL B 11 -14.90 -6.45 0.36
C VAL B 11 -14.23 -5.37 1.20
N GLY B 12 -15.00 -4.38 1.67
CA GLY B 12 -14.44 -3.37 2.54
C GLY B 12 -13.87 -3.94 3.82
N ARG B 13 -14.59 -4.89 4.44
CA ARG B 13 -14.07 -5.54 5.64
C ARG B 13 -12.82 -6.36 5.33
N GLN B 14 -12.79 -7.02 4.18
CA GLN B 14 -11.61 -7.81 3.81
C GLN B 14 -10.39 -6.93 3.60
N LEU B 15 -10.57 -5.75 3.01
CA LEU B 15 -9.44 -4.84 2.85
C LEU B 15 -9.03 -4.22 4.17
N ALA B 16 -9.98 -4.07 5.10
CA ALA B 16 -9.66 -3.64 6.46
C ALA B 16 -8.78 -4.65 7.18
N ILE B 17 -9.09 -5.95 7.02
CA ILE B 17 -8.25 -7.01 7.57
C ILE B 17 -6.86 -6.97 6.93
N ILE B 18 -6.81 -6.87 5.61
CA ILE B 18 -5.53 -6.84 4.91
C ILE B 18 -4.75 -5.58 5.28
N GLY B 19 -5.43 -4.43 5.30
CA GLY B 19 -4.76 -3.20 5.67
C GLY B 19 -4.19 -3.22 7.08
N ASP B 20 -4.99 -3.72 8.04
CA ASP B 20 -4.50 -3.82 9.41
C ASP B 20 -3.33 -4.79 9.50
N ASP B 21 -3.36 -5.87 8.72
N ASP B 21 -3.35 -5.87 8.72
CA ASP B 21 -2.26 -6.82 8.68
CA ASP B 21 -2.23 -6.81 8.74
C ASP B 21 -1.00 -6.15 8.17
C ASP B 21 -0.98 -6.18 8.15
N ILE B 22 -1.12 -5.38 7.08
CA ILE B 22 0.02 -4.67 6.53
C ILE B 22 0.57 -3.66 7.54
N ASN B 23 -0.32 -2.90 8.17
N ASN B 23 -0.33 -2.89 8.17
CA ASN B 23 0.10 -1.94 9.19
CA ASN B 23 0.10 -1.95 9.19
C ASN B 23 0.83 -2.65 10.32
C ASN B 23 0.79 -2.66 10.35
N ARG B 24 0.25 -3.75 10.82
N ARG B 24 0.22 -3.78 10.80
CA ARG B 24 0.87 -4.48 11.91
CA ARG B 24 0.81 -4.54 11.89
C ARG B 24 2.24 -4.99 11.52
C ARG B 24 2.22 -5.02 11.53
N ARG B 25 2.39 -5.54 10.32
CA ARG B 25 3.66 -6.16 9.93
C ARG B 25 4.78 -5.14 9.74
N TYR B 26 4.47 -3.93 9.26
CA TYR B 26 5.53 -3.04 8.78
C TYR B 26 5.60 -1.66 9.42
N ASP B 27 4.58 -1.22 10.17
CA ASP B 27 4.63 0.12 10.74
C ASP B 27 5.83 0.30 11.66
N SER B 28 6.02 -0.62 12.61
CA SER B 28 7.17 -0.50 13.50
C SER B 28 8.47 -0.68 12.72
N GLU B 29 8.47 -1.60 11.74
CA GLU B 29 9.66 -1.84 10.93
C GLU B 29 10.08 -0.58 10.18
N PHE B 30 9.11 0.12 9.59
CA PHE B 30 9.41 1.39 8.93
C PHE B 30 9.97 2.42 9.91
N GLN B 31 9.39 2.53 11.10
CA GLN B 31 9.89 3.50 12.06
C GLN B 31 11.32 3.20 12.46
N THR B 32 11.67 1.91 12.59
CA THR B 32 13.04 1.57 12.92
C THR B 32 13.98 1.94 11.78
N MET B 33 13.59 1.65 10.54
CA MET B 33 14.40 2.03 9.39
C MET B 33 14.64 3.54 9.38
N LEU B 34 13.63 4.33 9.76
CA LEU B 34 13.77 5.77 9.73
C LEU B 34 14.64 6.27 10.87
N GLN B 35 14.68 5.56 12.00
CA GLN B 35 15.61 5.95 13.07
C GLN B 35 17.06 5.80 12.64
N HIS B 36 17.37 4.79 11.80
CA HIS B 36 18.71 4.69 11.26
C HIS B 36 18.97 5.74 10.19
N LEU B 37 17.96 6.02 9.38
CA LEU B 37 18.12 6.91 8.24
C LEU B 37 18.22 8.38 8.67
N GLN B 38 17.52 8.74 9.75
CA GLN B 38 17.47 10.10 10.29
C GLN B 38 17.16 11.13 9.21
N PRO B 39 15.98 11.11 8.62
CA PRO B 39 15.61 12.13 7.65
C PRO B 39 15.23 13.44 8.33
N THR B 40 15.38 14.52 7.58
CA THR B 40 14.96 15.85 8.01
C THR B 40 14.17 16.50 6.88
N ALA B 41 13.61 17.68 7.16
CA ALA B 41 12.93 18.42 6.11
C ALA B 41 13.89 18.75 4.97
N GLU B 42 15.17 18.98 5.28
CA GLU B 42 16.12 19.42 4.27
C GLU B 42 16.57 18.30 3.34
N ASN B 43 16.55 17.05 3.79
CA ASN B 43 16.97 15.94 2.94
C ASN B 43 15.84 14.97 2.61
N ALA B 44 14.60 15.26 3.04
CA ALA B 44 13.52 14.29 2.87
C ALA B 44 13.23 14.02 1.40
N TYR B 45 13.25 15.05 0.57
CA TYR B 45 12.96 14.83 -0.85
C TYR B 45 14.07 14.02 -1.50
N GLU B 46 15.32 14.35 -1.21
CA GLU B 46 16.43 13.59 -1.78
C GLU B 46 16.41 12.15 -1.29
N TYR B 47 16.18 11.94 0.01
CA TYR B 47 16.11 10.58 0.55
C TYR B 47 15.00 9.77 -0.12
N PHE B 48 13.81 10.35 -0.23
CA PHE B 48 12.68 9.60 -0.77
C PHE B 48 12.94 9.21 -2.24
N THR B 49 13.42 10.16 -3.04
CA THR B 49 13.63 9.84 -4.45
C THR B 49 14.81 8.89 -4.66
N LYS B 50 15.87 8.99 -3.84
CA LYS B 50 16.95 8.02 -3.95
C LYS B 50 16.50 6.63 -3.53
N ILE B 51 15.68 6.54 -2.48
CA ILE B 51 15.19 5.24 -2.04
C ILE B 51 14.28 4.63 -3.10
N ALA B 52 13.43 5.45 -3.72
CA ALA B 52 12.54 4.97 -4.77
C ALA B 52 13.32 4.43 -5.97
N THR B 53 14.38 5.13 -6.40
CA THR B 53 15.15 4.64 -7.54
C THR B 53 15.81 3.30 -7.22
N SER B 54 16.39 3.17 -6.04
CA SER B 54 16.96 1.88 -5.63
C SER B 54 15.88 0.80 -5.58
N LEU B 55 14.69 1.16 -5.09
CA LEU B 55 13.59 0.20 -5.02
C LEU B 55 13.23 -0.34 -6.40
N PHE B 56 12.94 0.56 -7.34
CA PHE B 56 12.44 0.14 -8.64
C PHE B 56 13.55 -0.30 -9.59
N GLU B 57 14.82 -0.19 -9.20
CA GLU B 57 15.90 -0.64 -10.06
C GLU B 57 15.80 -2.13 -10.36
N SER B 58 15.27 -2.91 -9.41
CA SER B 58 15.11 -4.34 -9.60
C SER B 58 13.69 -4.72 -10.00
N GLY B 59 12.83 -3.75 -10.30
CA GLY B 59 11.49 -4.06 -10.77
C GLY B 59 10.40 -3.26 -10.10
N ILE B 60 9.17 -3.41 -10.58
CA ILE B 60 8.04 -2.67 -10.03
C ILE B 60 6.80 -3.54 -10.10
N ASN B 61 6.04 -3.54 -9.01
CA ASN B 61 4.71 -4.11 -8.95
C ASN B 61 3.95 -3.30 -7.92
N TRP B 62 2.63 -3.52 -7.84
CA TRP B 62 1.83 -2.67 -6.95
C TRP B 62 2.28 -2.83 -5.51
N GLY B 63 2.81 -4.00 -5.14
CA GLY B 63 3.29 -4.19 -3.78
C GLY B 63 4.47 -3.29 -3.45
N ARG B 64 5.42 -3.16 -4.38
CA ARG B 64 6.54 -2.26 -4.16
C ARG B 64 6.05 -0.82 -4.08
N VAL B 65 5.08 -0.46 -4.91
CA VAL B 65 4.55 0.90 -4.88
C VAL B 65 3.90 1.20 -3.53
N VAL B 66 3.07 0.29 -3.02
CA VAL B 66 2.38 0.60 -1.76
C VAL B 66 3.36 0.58 -0.59
N ALA B 67 4.39 -0.30 -0.64
CA ALA B 67 5.44 -0.27 0.37
C ALA B 67 6.15 1.09 0.39
N LEU B 68 6.46 1.64 -0.79
CA LEU B 68 7.10 2.96 -0.85
C LEU B 68 6.18 4.04 -0.31
N LEU B 69 4.89 3.95 -0.61
CA LEU B 69 3.95 4.97 -0.15
C LEU B 69 3.78 4.93 1.36
N GLY B 70 3.64 3.73 1.93
CA GLY B 70 3.59 3.60 3.37
C GLY B 70 4.86 4.06 4.05
N PHE B 71 6.02 3.69 3.49
CA PHE B 71 7.28 4.20 4.02
C PHE B 71 7.35 5.73 3.94
N GLY B 72 6.96 6.29 2.79
CA GLY B 72 7.01 7.73 2.65
C GLY B 72 6.09 8.46 3.62
N TYR B 73 4.93 7.85 3.90
CA TYR B 73 4.05 8.42 4.91
C TYR B 73 4.74 8.46 6.27
N ARG B 74 5.39 7.35 6.66
CA ARG B 74 6.13 7.36 7.92
C ARG B 74 7.32 8.30 7.87
N LEU B 75 7.96 8.44 6.70
CA LEU B 75 9.04 9.41 6.57
C LEU B 75 8.54 10.81 6.85
N ALA B 76 7.40 11.17 6.25
CA ALA B 76 6.80 12.48 6.50
C ALA B 76 6.56 12.70 7.98
N LEU B 77 5.97 11.72 8.65
CA LEU B 77 5.73 11.85 10.09
C LEU B 77 7.04 11.97 10.87
N HIS B 78 8.07 11.20 10.48
CA HIS B 78 9.36 11.30 11.15
C HIS B 78 9.97 12.69 10.98
N VAL B 79 9.87 13.24 9.77
CA VAL B 79 10.38 14.58 9.51
C VAL B 79 9.66 15.60 10.38
N TYR B 80 8.33 15.49 10.49
CA TYR B 80 7.60 16.42 11.32
C TYR B 80 8.08 16.36 12.77
N GLN B 81 8.30 15.14 13.27
CA GLN B 81 8.73 14.98 14.66
C GLN B 81 10.12 15.57 14.89
N HIS B 82 11.02 15.40 13.92
CA HIS B 82 12.33 16.01 14.06
C HIS B 82 12.24 17.53 14.10
N GLY B 83 11.27 18.10 13.37
CA GLY B 83 11.07 19.54 13.39
C GLY B 83 10.57 20.09 14.71
N LEU B 84 10.11 19.25 15.61
CA LEU B 84 9.62 19.68 16.92
C LEU B 84 10.73 19.52 17.97
#